data_6FGH
#
_entry.id   6FGH
#
_cell.length_a   95.278
_cell.length_b   95.278
_cell.length_c   33.040
_cell.angle_alpha   90.000
_cell.angle_beta   90.000
_cell.angle_gamma   120.000
#
_symmetry.space_group_name_H-M   'P 31 2 1'
#
loop_
_entity.id
_entity.type
_entity.pdbx_description
1 polymer 'Bromodomain adjacent to zinc finger domain protein 2A'
2 non-polymer 2-methyl-~{N}-[(2~{R})-1-methylsulfonylpropan-2-yl]pyridin-3-amine
3 water water
#
_entity_poly.entity_id   1
_entity_poly.type   'polypeptide(L)'
_entity_poly.pdbx_seq_one_letter_code
;MSHSDLTFCEIILMEMESHDAAWPFLEPVNPRLVSGYRRIIKNPMDFSTMRERLLRGGYTSSEEFAADALLVFDNCQTFN
EDDSEVGKAGHIMRRFFESRWEEFY
;
_entity_poly.pdbx_strand_id   A
#
loop_
_chem_comp.id
_chem_comp.type
_chem_comp.name
_chem_comp.formula
6RZ non-polymer 2-methyl-~{N}-[(2~{R})-1-methylsulfonylpropan-2-yl]pyridin-3-amine 'C10 H16 N2 O2 S'
#
# COMPACT_ATOMS: atom_id res chain seq x y z
N HIS A 3 -3.02 -11.49 -18.69
CA HIS A 3 -2.80 -12.35 -17.53
C HIS A 3 -1.55 -11.89 -16.78
N SER A 4 -0.40 -11.89 -17.46
CA SER A 4 0.86 -11.55 -16.80
C SER A 4 0.83 -10.16 -16.19
N ASP A 5 -0.10 -9.30 -16.60
CA ASP A 5 -0.29 -8.04 -15.91
C ASP A 5 -0.65 -8.28 -14.45
N LEU A 6 -1.64 -9.14 -14.19
CA LEU A 6 -2.02 -9.44 -12.81
C LEU A 6 -1.09 -10.45 -12.15
N THR A 7 -0.29 -11.19 -12.94
CA THR A 7 0.70 -12.08 -12.33
C THR A 7 1.77 -11.27 -11.60
N PHE A 8 2.21 -10.17 -12.20
CA PHE A 8 3.23 -9.34 -11.55
C PHE A 8 2.67 -8.64 -10.33
N CYS A 9 1.39 -8.23 -10.38
CA CYS A 9 0.76 -7.63 -9.21
C CYS A 9 0.83 -8.57 -8.01
N GLU A 10 0.62 -9.86 -8.24
CA GLU A 10 0.79 -10.83 -7.17
C GLU A 10 2.23 -10.87 -6.67
N ILE A 11 3.19 -10.84 -7.61
CA ILE A 11 4.60 -10.86 -7.22
C ILE A 11 4.93 -9.64 -6.37
N ILE A 12 4.53 -8.46 -6.84
CA ILE A 12 4.87 -7.22 -6.15
C ILE A 12 4.12 -7.12 -4.81
N LEU A 13 2.86 -7.57 -4.77
CA LEU A 13 2.10 -7.51 -3.51
C LEU A 13 2.71 -8.43 -2.48
N MET A 14 3.02 -9.68 -2.87
CA MET A 14 3.65 -10.61 -1.95
C MET A 14 4.99 -10.07 -1.46
N GLU A 15 5.73 -9.38 -2.33
CA GLU A 15 7.00 -8.82 -1.90
C GLU A 15 6.81 -7.65 -0.94
N MET A 16 5.79 -6.83 -1.15
CA MET A 16 5.49 -5.78 -0.19
C MET A 16 5.01 -6.39 1.13
N GLU A 17 4.12 -7.38 1.05
CA GLU A 17 3.61 -8.04 2.25
C GLU A 17 4.73 -8.57 3.14
N SER A 18 5.79 -9.11 2.54
CA SER A 18 6.85 -9.74 3.28
C SER A 18 8.04 -8.81 3.55
N HIS A 19 7.91 -7.53 3.24
CA HIS A 19 9.02 -6.59 3.37
C HIS A 19 9.24 -6.22 4.83
N ASP A 20 10.51 -6.04 5.21
CA ASP A 20 10.83 -5.60 6.57
C ASP A 20 10.06 -4.34 6.97
N ALA A 21 9.81 -3.43 6.03
CA ALA A 21 9.18 -2.15 6.34
C ALA A 21 7.66 -2.16 6.18
N ALA A 22 7.04 -3.32 6.03
CA ALA A 22 5.62 -3.37 5.69
C ALA A 22 4.70 -3.33 6.91
N TRP A 23 5.25 -3.48 8.13
CA TRP A 23 4.44 -3.63 9.33
C TRP A 23 3.38 -2.54 9.52
N PRO A 24 3.58 -1.27 9.12
CA PRO A 24 2.47 -0.30 9.26
C PRO A 24 1.30 -0.57 8.35
N PHE A 25 1.50 -1.32 7.26
CA PHE A 25 0.55 -1.31 6.16
C PHE A 25 -0.12 -2.65 5.94
N LEU A 26 0.09 -3.61 6.85
CA LEU A 26 -0.42 -4.95 6.67
C LEU A 26 -1.92 -5.05 6.92
N GLU A 27 -2.45 -4.22 7.82
CA GLU A 27 -3.85 -4.22 8.23
C GLU A 27 -4.40 -2.80 8.05
N PRO A 28 -5.73 -2.65 8.06
CA PRO A 28 -6.32 -1.31 7.99
C PRO A 28 -5.96 -0.58 9.28
N VAL A 29 -5.70 0.73 9.16
CA VAL A 29 -5.57 1.54 10.35
C VAL A 29 -6.87 1.46 11.16
N ASN A 30 -6.73 1.33 12.48
CA ASN A 30 -7.88 1.29 13.37
C ASN A 30 -8.22 2.71 13.80
N PRO A 31 -9.28 3.32 13.27
CA PRO A 31 -9.59 4.71 13.65
C PRO A 31 -9.83 4.87 15.15
N ARG A 32 -10.29 3.83 15.84
CA ARG A 32 -10.48 3.91 17.28
C ARG A 32 -9.16 4.09 18.02
N LEU A 33 -8.04 3.67 17.44
CA LEU A 33 -6.73 3.80 18.06
C LEU A 33 -5.94 4.99 17.57
N VAL A 34 -6.25 5.49 16.38
CA VAL A 34 -5.48 6.55 15.77
C VAL A 34 -6.38 7.77 15.69
N SER A 35 -6.24 8.63 16.70
CA SER A 35 -7.01 9.86 16.78
C SER A 35 -6.80 10.70 15.53
N GLY A 36 -7.90 11.16 14.94
CA GLY A 36 -7.84 12.01 13.77
C GLY A 36 -7.82 11.29 12.44
N TYR A 37 -7.60 9.97 12.43
CA TYR A 37 -7.38 9.28 11.16
C TYR A 37 -8.62 9.33 10.28
N ARG A 38 -9.79 9.11 10.88
CA ARG A 38 -11.05 9.09 10.13
C ARG A 38 -11.29 10.44 9.47
N ARG A 39 -11.02 11.53 10.20
CA ARG A 39 -11.29 12.87 9.71
C ARG A 39 -10.33 13.26 8.57
N ILE A 40 -9.07 12.85 8.66
CA ILE A 40 -8.02 13.30 7.75
C ILE A 40 -7.91 12.42 6.50
N ILE A 41 -8.05 11.10 6.63
CA ILE A 41 -7.82 10.18 5.52
C ILE A 41 -9.19 9.77 4.97
N LYS A 42 -9.53 10.25 3.76
CA LYS A 42 -10.84 9.97 3.20
C LYS A 42 -10.96 8.57 2.62
N ASN A 43 -9.86 7.99 2.11
CA ASN A 43 -9.89 6.69 1.44
C ASN A 43 -8.79 5.79 1.97
N PRO A 44 -9.01 5.12 3.10
CA PRO A 44 -8.00 4.21 3.64
C PRO A 44 -7.67 3.09 2.66
N MET A 45 -6.44 2.60 2.74
CA MET A 45 -6.02 1.50 1.89
C MET A 45 -4.85 0.82 2.58
N ASP A 46 -4.75 -0.50 2.42
CA ASP A 46 -3.68 -1.26 3.03
C ASP A 46 -3.48 -2.55 2.24
N PHE A 47 -2.40 -3.28 2.56
CA PHE A 47 -2.04 -4.43 1.73
C PHE A 47 -3.07 -5.56 1.85
N SER A 48 -3.64 -5.79 3.04
CA SER A 48 -4.60 -6.87 3.17
C SER A 48 -5.87 -6.57 2.37
N THR A 49 -6.26 -5.30 2.30
CA THR A 49 -7.42 -4.93 1.47
C THR A 49 -7.09 -5.08 -0.02
N MET A 50 -5.87 -4.71 -0.43
CA MET A 50 -5.45 -5.01 -1.80
C MET A 50 -5.41 -6.52 -2.05
N ARG A 51 -4.95 -7.30 -1.06
CA ARG A 51 -4.87 -8.74 -1.23
C ARG A 51 -6.27 -9.35 -1.34
N GLU A 52 -7.19 -8.93 -0.48
CA GLU A 52 -8.58 -9.36 -0.62
C GLU A 52 -9.09 -9.04 -2.01
N ARG A 53 -8.81 -7.84 -2.52
CA ARG A 53 -9.33 -7.44 -3.83
C ARG A 53 -8.62 -8.16 -4.96
N LEU A 54 -7.33 -8.48 -4.79
CA LEU A 54 -6.64 -9.21 -5.84
C LEU A 54 -7.09 -10.67 -5.89
N LEU A 55 -7.44 -11.26 -4.74
CA LEU A 55 -7.70 -12.71 -4.67
C LEU A 55 -9.05 -13.09 -5.29
N ARG A 56 -10.06 -12.21 -5.21
CA ARG A 56 -11.36 -12.45 -5.81
C ARG A 56 -11.56 -11.62 -7.08
N GLY A 57 -10.47 -11.29 -7.79
CA GLY A 57 -10.53 -10.83 -9.17
C GLY A 57 -10.76 -9.36 -9.44
N GLY A 58 -11.00 -8.54 -8.41
CA GLY A 58 -11.54 -7.20 -8.60
C GLY A 58 -10.57 -6.14 -9.13
N TYR A 59 -9.49 -6.53 -9.79
CA TYR A 59 -8.60 -5.59 -10.45
C TYR A 59 -8.69 -5.80 -11.96
N THR A 60 -9.19 -4.77 -12.66
CA THR A 60 -9.36 -4.86 -14.10
C THR A 60 -8.04 -4.75 -14.84
N SER A 61 -7.13 -3.89 -14.36
CA SER A 61 -5.84 -3.70 -14.99
C SER A 61 -4.77 -3.61 -13.91
N SER A 62 -3.52 -3.62 -14.34
CA SER A 62 -2.43 -3.33 -13.42
C SER A 62 -2.50 -1.88 -12.92
N GLU A 63 -3.08 -0.99 -13.72
CA GLU A 63 -3.15 0.42 -13.32
C GLU A 63 -4.10 0.61 -12.14
N GLU A 64 -5.19 -0.15 -12.09
CA GLU A 64 -6.04 -0.12 -10.90
C GLU A 64 -5.26 -0.57 -9.67
N PHE A 65 -4.43 -1.59 -9.82
CA PHE A 65 -3.67 -2.10 -8.69
C PHE A 65 -2.65 -1.07 -8.22
N ALA A 66 -1.96 -0.41 -9.15
CA ALA A 66 -0.97 0.58 -8.76
C ALA A 66 -1.60 1.76 -8.04
N ALA A 67 -2.82 2.14 -8.43
CA ALA A 67 -3.47 3.28 -7.77
C ALA A 67 -3.72 2.99 -6.30
N ASP A 68 -4.12 1.76 -5.97
CA ASP A 68 -4.29 1.36 -4.58
C ASP A 68 -2.96 1.39 -3.83
N ALA A 69 -1.90 0.88 -4.47
CA ALA A 69 -0.58 0.91 -3.84
C ALA A 69 -0.16 2.34 -3.52
N LEU A 70 -0.30 3.24 -4.49
CA LEU A 70 0.09 4.62 -4.27
C LEU A 70 -0.79 5.30 -3.23
N LEU A 71 -2.06 4.88 -3.15
CA LEU A 71 -2.96 5.41 -2.13
C LEU A 71 -2.47 5.07 -0.72
N VAL A 72 -2.01 3.83 -0.51
CA VAL A 72 -1.38 3.47 0.76
C VAL A 72 -0.31 4.50 1.15
N PHE A 73 0.58 4.83 0.20
CA PHE A 73 1.71 5.71 0.56
C PHE A 73 1.31 7.19 0.56
N ASP A 74 0.34 7.60 -0.26
CA ASP A 74 -0.17 8.97 -0.15
C ASP A 74 -0.84 9.19 1.20
N ASN A 75 -1.66 8.24 1.64
CA ASN A 75 -2.27 8.32 2.97
C ASN A 75 -1.20 8.38 4.05
N CYS A 76 -0.18 7.52 3.94
CA CYS A 76 0.88 7.52 4.92
C CYS A 76 1.53 8.89 5.05
N GLN A 77 1.85 9.51 3.91
CA GLN A 77 2.50 10.82 3.94
C GLN A 77 1.55 11.92 4.36
N THR A 78 0.25 11.76 4.12
CA THR A 78 -0.68 12.80 4.57
C THR A 78 -0.83 12.77 6.09
N PHE A 79 -0.89 11.59 6.69
CA PHE A 79 -1.13 11.51 8.13
C PHE A 79 0.14 11.54 8.98
N ASN A 80 1.25 11.00 8.50
CA ASN A 80 2.42 10.78 9.35
C ASN A 80 3.54 11.71 8.95
N GLU A 81 4.23 12.26 9.96
CA GLU A 81 5.41 13.06 9.68
C GLU A 81 6.46 12.19 8.97
N ASP A 82 7.29 12.85 8.16
CA ASP A 82 8.32 12.12 7.45
C ASP A 82 9.35 11.51 8.40
N ASP A 83 9.59 12.14 9.54
CA ASP A 83 10.56 11.59 10.49
C ASP A 83 9.91 10.70 11.54
N SER A 84 8.59 10.49 11.47
CA SER A 84 7.93 9.52 12.32
C SER A 84 8.31 8.10 11.90
N GLU A 85 8.05 7.14 12.80
CA GLU A 85 8.43 5.75 12.51
C GLU A 85 7.56 5.16 11.40
N VAL A 86 6.26 5.44 11.41
CA VAL A 86 5.41 5.02 10.30
C VAL A 86 5.83 5.71 9.00
N GLY A 87 6.11 7.02 9.08
CA GLY A 87 6.53 7.75 7.89
C GLY A 87 7.82 7.18 7.29
N LYS A 88 8.81 6.90 8.13
CA LYS A 88 10.08 6.35 7.61
C LYS A 88 9.84 5.01 6.97
N ALA A 89 8.98 4.18 7.56
CA ALA A 89 8.68 2.89 6.97
C ALA A 89 7.97 3.08 5.63
N GLY A 90 7.02 4.01 5.57
CA GLY A 90 6.30 4.25 4.33
C GLY A 90 7.17 4.78 3.22
N HIS A 91 8.18 5.58 3.56
CA HIS A 91 9.09 6.03 2.50
C HIS A 91 9.86 4.86 1.92
N ILE A 92 10.33 3.94 2.77
CA ILE A 92 11.01 2.74 2.27
C ILE A 92 10.06 1.93 1.40
N MET A 93 8.83 1.72 1.88
CA MET A 93 7.88 0.92 1.10
C MET A 93 7.53 1.61 -0.23
N ARG A 94 7.36 2.93 -0.20
CA ARG A 94 7.00 3.64 -1.42
C ARG A 94 8.13 3.59 -2.45
N ARG A 95 9.37 3.85 -2.03
CA ARG A 95 10.48 3.72 -2.97
C ARG A 95 10.60 2.29 -3.47
N PHE A 96 10.37 1.30 -2.59
CA PHE A 96 10.41 -0.08 -3.04
C PHE A 96 9.36 -0.33 -4.13
N PHE A 97 8.13 0.14 -3.92
CA PHE A 97 7.08 -0.15 -4.88
C PHE A 97 7.36 0.50 -6.23
N GLU A 98 7.70 1.79 -6.22
CA GLU A 98 7.94 2.50 -7.47
C GLU A 98 9.10 1.86 -8.22
N SER A 99 10.15 1.48 -7.50
CA SER A 99 11.31 0.85 -8.14
C SER A 99 10.91 -0.47 -8.78
N ARG A 100 10.28 -1.35 -8.01
CA ARG A 100 9.90 -2.66 -8.52
C ARG A 100 8.89 -2.55 -9.66
N TRP A 101 7.94 -1.62 -9.56
CA TRP A 101 6.94 -1.43 -10.60
C TRP A 101 7.56 -0.97 -11.91
N GLU A 102 8.64 -0.18 -11.85
CA GLU A 102 9.26 0.38 -13.05
C GLU A 102 10.23 -0.60 -13.71
N GLU A 103 10.95 -1.36 -12.89
CA GLU A 103 11.62 -2.59 -13.27
C GLU A 103 10.85 -3.33 -14.34
N PHE A 104 9.54 -3.39 -14.19
CA PHE A 104 8.66 -4.27 -14.95
C PHE A 104 8.10 -3.60 -16.21
N TYR A 105 7.48 -2.44 -16.05
CA TYR A 105 6.88 -1.71 -17.16
C TYR A 105 7.82 -0.63 -17.70
C13 6RZ B . -1.14 6.11 10.55
C13 6RZ B . -1.17 5.92 10.68
C15 6RZ B . -0.69 4.29 12.06
C15 6RZ B . -0.77 4.03 12.14
C01 6RZ B . 0.33 0.17 12.44
C01 6RZ B . 1.15 1.42 13.06
C05 6RZ B . -2.61 -0.97 14.18
C05 6RZ B . -2.11 -2.36 13.23
N08 6RZ B . -0.17 2.09 11.08
N08 6RZ B . -0.18 1.85 11.07
C09 6RZ B . -0.51 3.47 10.94
C09 6RZ B . -0.53 3.26 10.99
C02 6RZ B . -0.54 1.40 12.29
C02 6RZ B . -0.12 1.12 12.31
C03 6RZ B . -2.03 1.07 12.21
C03 6RZ B . -0.29 -0.39 12.04
S04 6RZ B . -2.74 0.77 13.81
S04 6RZ B . -1.99 -0.91 12.20
O06 6RZ B . -4.12 1.18 13.88
O06 6RZ B . -2.61 -1.16 10.91
O07 6RZ B . -2.14 1.57 14.86
O07 6RZ B . -2.79 0.16 12.72
C10 6RZ B . -0.66 4.05 9.68
C10 6RZ B . -0.63 3.89 9.74
C11 6RZ B . -0.46 3.19 8.44
C11 6RZ B . -0.38 3.09 8.49
N12 6RZ B . -0.96 5.33 9.51
N12 6RZ B . -0.95 5.17 9.62
C14 6RZ B . -1.01 5.64 11.85
C14 6RZ B . -1.10 5.39 11.97
#